data_2QV2
#
_entry.id   2QV2
#
_cell.length_a   91.300
_cell.length_b   91.300
_cell.length_c   103.900
_cell.angle_alpha   90.00
_cell.angle_beta   90.00
_cell.angle_gamma   120.00
#
_symmetry.space_group_name_H-M   'P 32 2 1'
#
loop_
_entity.id
_entity.type
_entity.pdbx_description
1 polymer 'Inositol polyphosphate 5-phosphatase OCRL-1'
2 water water
#
_entity_poly.entity_id   1
_entity_poly.type   'polypeptide(L)'
_entity_poly.pdbx_seq_one_letter_code
;GPLGSLELSRREFVFENVKFRQLQKEKFQISNNGQVPCHFSFIPKLNDSQYCKPWLRAEPFEGYLEPNETVDISLDVYVS
KDSVTILNSGEDKIEDILVLHLDRGKDYFLTISGNYLPSCFGTSLEALCRMKRPIREVPVTKLIDLEEDSFLEKEKSLLQ
MVPLDEGASERPLQVPKEIWLLVDHLFKYACHQEDLFQTPGMQEELQQIIDCLDTSIPETIPGSNHSVAEALLIFLEALP
EPVICYELYQRCLDSAYDPRICRQVISQLPRCHRNVFRYLMAFLRELLKFSEYNSVNANMIATLFTSLLLRPPPNLMARQ
TPSDRQRAIQFLLGFLLGSEED
;
_entity_poly.pdbx_strand_id   A
#
# COMPACT_ATOMS: atom_id res chain seq x y z
N SER A 9 -32.78 9.92 -13.65
CA SER A 9 -32.99 8.49 -13.88
C SER A 9 -32.62 7.69 -12.64
N ARG A 10 -31.43 7.97 -12.12
CA ARG A 10 -30.94 7.30 -10.92
C ARG A 10 -30.55 8.39 -9.94
N ARG A 11 -30.60 8.09 -8.65
CA ARG A 11 -30.25 9.06 -7.63
C ARG A 11 -29.37 8.43 -6.56
N GLU A 12 -29.73 7.21 -6.16
CA GLU A 12 -29.00 6.47 -5.13
C GLU A 12 -27.89 5.66 -5.76
N PHE A 13 -26.73 5.68 -5.13
CA PHE A 13 -25.58 4.91 -5.62
C PHE A 13 -24.78 4.25 -4.50
N VAL A 14 -24.39 3.00 -4.75
CA VAL A 14 -23.63 2.25 -3.76
C VAL A 14 -22.50 1.44 -4.40
N PHE A 15 -21.30 1.61 -3.87
CA PHE A 15 -20.17 0.86 -4.40
C PHE A 15 -19.80 -0.20 -3.37
N GLU A 16 -20.17 -1.45 -3.65
CA GLU A 16 -19.89 -2.54 -2.73
C GLU A 16 -18.49 -3.11 -2.87
N ASN A 17 -17.89 -3.43 -1.73
CA ASN A 17 -16.58 -4.05 -1.71
C ASN A 17 -15.50 -3.34 -2.52
N VAL A 18 -15.27 -2.08 -2.19
CA VAL A 18 -14.25 -1.30 -2.87
C VAL A 18 -12.91 -1.71 -2.30
N LYS A 19 -11.91 -1.84 -3.15
CA LYS A 19 -10.59 -2.22 -2.71
C LYS A 19 -9.47 -1.43 -3.37
N PHE A 20 -8.34 -1.39 -2.68
CA PHE A 20 -7.14 -0.69 -3.11
C PHE A 20 -6.82 -0.91 -4.60
N ARG A 21 -6.65 0.18 -5.33
CA ARG A 21 -6.31 0.14 -6.75
C ARG A 21 -7.24 -0.65 -7.66
N GLN A 22 -8.53 -0.66 -7.34
CA GLN A 22 -9.50 -1.35 -8.17
C GLN A 22 -10.57 -0.33 -8.50
N LEU A 23 -10.76 -0.09 -9.79
CA LEU A 23 -11.73 0.88 -10.28
C LEU A 23 -13.12 0.29 -10.43
N GLN A 24 -14.12 1.03 -9.94
CA GLN A 24 -15.52 0.61 -10.02
C GLN A 24 -16.37 1.65 -10.78
N LYS A 25 -17.02 1.21 -11.85
CA LYS A 25 -17.87 2.08 -12.67
C LYS A 25 -19.32 2.10 -12.17
N GLU A 26 -20.02 3.19 -12.44
CA GLU A 26 -21.42 3.33 -12.04
C GLU A 26 -22.13 4.25 -13.02
N LYS A 27 -22.00 3.93 -14.30
CA LYS A 27 -22.58 4.70 -15.39
C LYS A 27 -24.10 4.91 -15.28
N PHE A 28 -24.57 6.03 -15.81
CA PHE A 28 -25.98 6.38 -15.81
C PHE A 28 -26.20 7.58 -16.75
N GLN A 29 -27.46 7.87 -17.08
CA GLN A 29 -27.74 8.98 -17.99
C GLN A 29 -28.49 10.16 -17.38
N ILE A 30 -28.53 11.26 -18.12
CA ILE A 30 -29.19 12.49 -17.70
C ILE A 30 -29.86 13.18 -18.90
N SER A 31 -30.80 14.08 -18.64
CA SER A 31 -31.49 14.80 -19.68
C SER A 31 -32.32 15.96 -19.12
N ASN A 32 -32.37 17.07 -19.85
CA ASN A 32 -33.13 18.24 -19.43
C ASN A 32 -34.14 18.65 -20.48
N ILE A 43 -22.93 19.80 -12.36
CA ILE A 43 -21.54 20.27 -12.14
C ILE A 43 -21.28 20.90 -10.77
N PRO A 44 -22.32 21.49 -10.14
CA PRO A 44 -22.16 22.13 -8.82
C PRO A 44 -21.33 21.35 -7.80
N LYS A 45 -20.87 22.07 -6.77
CA LYS A 45 -20.05 21.48 -5.71
C LYS A 45 -20.32 22.22 -4.41
N LEU A 46 -20.55 21.48 -3.32
CA LEU A 46 -20.79 22.12 -2.03
C LEU A 46 -19.48 22.78 -1.62
N ASN A 47 -19.34 23.11 -0.34
CA ASN A 47 -18.08 23.71 0.12
C ASN A 47 -17.04 22.76 -0.45
N ASP A 48 -16.09 23.26 -1.22
CA ASP A 48 -15.09 22.36 -1.79
C ASP A 48 -14.32 21.69 -0.67
N SER A 49 -14.61 22.12 0.56
CA SER A 49 -13.99 21.57 1.76
C SER A 49 -14.82 20.34 2.13
N GLN A 50 -16.06 20.33 1.65
CA GLN A 50 -17.00 19.24 1.90
C GLN A 50 -17.52 18.71 0.56
N TYR A 51 -16.91 19.17 -0.53
CA TYR A 51 -17.31 18.78 -1.88
C TYR A 51 -17.43 17.27 -2.02
N CYS A 52 -16.38 16.63 -2.55
CA CYS A 52 -16.41 15.19 -2.73
C CYS A 52 -15.17 14.57 -2.10
N LYS A 53 -14.94 13.31 -2.42
CA LYS A 53 -13.79 12.59 -1.88
C LYS A 53 -12.76 12.33 -2.97
N PRO A 54 -11.46 12.45 -2.63
CA PRO A 54 -10.36 12.23 -3.56
C PRO A 54 -10.41 10.87 -4.26
N TRP A 55 -10.94 9.86 -3.57
CA TRP A 55 -11.04 8.54 -4.17
C TRP A 55 -12.30 8.44 -5.02
N LEU A 56 -12.85 9.60 -5.37
CA LEU A 56 -14.07 9.66 -6.18
C LEU A 56 -14.09 10.91 -7.06
N ARG A 57 -14.61 10.75 -8.27
CA ARG A 57 -14.70 11.87 -9.21
C ARG A 57 -15.71 11.57 -10.32
N ALA A 58 -16.14 12.61 -11.03
CA ALA A 58 -17.12 12.47 -12.10
C ALA A 58 -16.55 12.86 -13.45
N GLU A 59 -17.00 12.17 -14.49
CA GLU A 59 -16.56 12.45 -15.85
C GLU A 59 -17.49 11.78 -16.85
N PRO A 60 -18.20 12.58 -17.67
CA PRO A 60 -18.16 14.04 -17.67
C PRO A 60 -18.90 14.64 -16.48
N PHE A 61 -18.32 15.66 -15.86
CA PHE A 61 -18.94 16.29 -14.71
C PHE A 61 -19.57 17.65 -15.04
N GLU A 62 -19.77 17.92 -16.33
CA GLU A 62 -20.37 19.17 -16.78
C GLU A 62 -20.53 19.21 -18.29
N GLY A 63 -21.53 19.94 -18.78
CA GLY A 63 -21.76 20.01 -20.21
C GLY A 63 -22.94 20.88 -20.62
N TYR A 64 -23.24 20.87 -21.90
CA TYR A 64 -24.35 21.66 -22.44
C TYR A 64 -25.46 20.78 -22.99
N LEU A 65 -26.69 21.14 -22.68
CA LEU A 65 -27.86 20.37 -23.14
C LEU A 65 -29.11 21.24 -23.15
N GLU A 66 -30.03 20.94 -24.06
CA GLU A 66 -31.27 21.69 -24.18
C GLU A 66 -32.45 20.85 -24.68
N PRO A 67 -32.19 19.83 -25.51
CA PRO A 67 -33.30 18.99 -26.00
C PRO A 67 -33.58 17.80 -25.09
N ASN A 68 -33.70 16.62 -25.70
CA ASN A 68 -33.96 15.40 -24.96
C ASN A 68 -32.69 14.56 -24.79
N GLU A 69 -31.67 14.88 -25.58
CA GLU A 69 -30.40 14.16 -25.55
C GLU A 69 -29.99 13.71 -24.14
N THR A 70 -29.57 12.46 -24.03
CA THR A 70 -29.16 11.89 -22.76
C THR A 70 -27.65 11.94 -22.53
N VAL A 71 -27.27 12.50 -21.39
CA VAL A 71 -25.87 12.63 -21.01
C VAL A 71 -25.46 11.49 -20.10
N ASP A 72 -24.77 10.49 -20.66
CA ASP A 72 -24.33 9.34 -19.89
C ASP A 72 -23.11 9.66 -19.02
N ILE A 73 -23.35 10.34 -17.91
CA ILE A 73 -22.28 10.69 -16.98
C ILE A 73 -21.90 9.45 -16.16
N SER A 74 -20.60 9.22 -16.02
CA SER A 74 -20.11 8.07 -15.26
C SER A 74 -19.54 8.44 -13.90
N LEU A 75 -19.71 7.55 -12.93
CA LEU A 75 -19.21 7.75 -11.58
C LEU A 75 -18.18 6.66 -11.28
N ASP A 76 -16.97 7.09 -10.95
CA ASP A 76 -15.90 6.15 -10.70
C ASP A 76 -15.22 6.38 -9.35
N VAL A 77 -14.76 5.29 -8.74
CA VAL A 77 -14.06 5.34 -7.46
C VAL A 77 -12.74 4.60 -7.60
N TYR A 78 -11.70 5.16 -7.01
CA TYR A 78 -10.39 4.55 -7.08
C TYR A 78 -9.58 4.97 -5.87
N VAL A 79 -9.26 4.01 -5.02
CA VAL A 79 -8.47 4.27 -3.82
C VAL A 79 -7.01 4.07 -4.20
N SER A 80 -6.22 5.12 -4.04
CA SER A 80 -4.81 5.08 -4.37
C SER A 80 -4.00 5.19 -3.09
N LYS A 81 -2.69 5.16 -3.23
CA LYS A 81 -1.79 5.26 -2.08
C LYS A 81 -2.14 6.38 -1.10
N ASP A 82 -2.85 7.39 -1.57
CA ASP A 82 -3.20 8.51 -0.70
C ASP A 82 -4.43 8.30 0.18
N SER A 83 -5.30 7.39 -0.22
CA SER A 83 -6.53 7.12 0.53
C SER A 83 -6.55 5.76 1.22
N VAL A 84 -5.73 4.82 0.73
CA VAL A 84 -5.71 3.48 1.29
C VAL A 84 -5.60 3.38 2.81
N THR A 85 -4.63 4.07 3.38
CA THR A 85 -4.39 4.01 4.81
C THR A 85 -5.48 4.60 5.73
N ILE A 86 -6.17 5.65 5.28
CA ILE A 86 -7.22 6.24 6.10
C ILE A 86 -8.42 5.31 6.09
N LEU A 87 -8.70 4.75 4.91
CA LEU A 87 -9.80 3.82 4.75
C LEU A 87 -9.52 2.50 5.48
N ASN A 88 -8.28 2.00 5.41
CA ASN A 88 -7.96 0.76 6.10
C ASN A 88 -8.43 0.92 7.54
N SER A 89 -7.74 1.80 8.28
CA SER A 89 -8.07 2.07 9.67
C SER A 89 -9.56 2.28 9.91
N GLY A 90 -10.18 3.10 9.07
CA GLY A 90 -11.60 3.38 9.22
C GLY A 90 -11.91 4.86 9.24
N GLU A 91 -10.92 5.68 9.61
CA GLU A 91 -11.08 7.13 9.68
C GLU A 91 -12.13 7.54 8.68
N ASP A 92 -11.86 7.26 7.41
CA ASP A 92 -12.77 7.59 6.34
C ASP A 92 -13.56 6.35 5.94
N LYS A 93 -14.75 6.57 5.39
CA LYS A 93 -15.60 5.48 4.95
C LYS A 93 -16.06 5.83 3.56
N ILE A 94 -16.50 4.83 2.81
CA ILE A 94 -16.98 5.06 1.47
C ILE A 94 -18.33 5.77 1.51
N GLU A 95 -18.29 7.01 1.98
CA GLU A 95 -19.50 7.83 2.09
C GLU A 95 -19.16 9.25 1.68
N ASP A 96 -19.73 9.68 0.56
CA ASP A 96 -19.48 11.02 0.06
C ASP A 96 -20.79 11.70 -0.36
N ILE A 97 -20.91 12.98 -0.06
CA ILE A 97 -22.12 13.74 -0.39
C ILE A 97 -21.79 14.79 -1.46
N LEU A 98 -22.58 14.77 -2.54
CA LEU A 98 -22.37 15.72 -3.62
C LEU A 98 -23.43 16.83 -3.58
N VAL A 99 -23.74 17.43 -4.73
CA VAL A 99 -24.72 18.51 -4.77
C VAL A 99 -25.29 18.80 -6.16
N LEU A 100 -26.60 19.02 -6.20
CA LEU A 100 -27.32 19.33 -7.42
C LEU A 100 -28.74 19.80 -7.13
N PHE A 109 -28.84 17.47 -3.18
CA PHE A 109 -27.93 16.56 -2.44
C PHE A 109 -27.84 15.17 -3.08
N LEU A 110 -26.65 14.58 -3.05
CA LEU A 110 -26.43 13.26 -3.62
C LEU A 110 -26.07 12.22 -2.57
N THR A 111 -26.65 11.03 -2.72
CA THR A 111 -26.42 9.94 -1.78
C THR A 111 -25.66 8.77 -2.39
N ILE A 112 -24.52 8.44 -1.78
CA ILE A 112 -23.71 7.32 -2.24
C ILE A 112 -22.97 6.69 -1.06
N SER A 113 -22.87 5.37 -1.07
CA SER A 113 -22.18 4.66 -0.01
C SER A 113 -21.70 3.29 -0.47
N GLY A 114 -21.26 2.48 0.49
CA GLY A 114 -20.78 1.15 0.18
C GLY A 114 -19.94 0.67 1.34
N ASN A 115 -18.96 -0.19 1.03
CA ASN A 115 -18.07 -0.71 2.07
C ASN A 115 -16.67 -0.87 1.52
N TYR A 116 -15.68 -0.59 2.35
CA TYR A 116 -14.27 -0.70 1.95
C TYR A 116 -13.59 -1.90 2.61
N LEU A 117 -13.03 -2.77 1.79
CA LEU A 117 -12.29 -3.95 2.28
C LEU A 117 -10.84 -3.54 2.55
N PRO A 118 -10.39 -3.71 3.81
CA PRO A 118 -9.01 -3.36 4.21
C PRO A 118 -7.96 -4.11 3.42
N SER A 119 -6.75 -3.56 3.37
CA SER A 119 -5.65 -4.18 2.66
C SER A 119 -4.37 -4.14 3.48
N CYS A 120 -3.49 -5.12 3.27
CA CYS A 120 -2.24 -5.11 3.99
C CYS A 120 -1.40 -3.95 3.45
N PHE A 121 -1.69 -3.55 2.21
CA PHE A 121 -1.03 -2.41 1.58
C PHE A 121 -1.63 -1.19 2.26
N GLY A 122 -0.79 -0.41 2.94
CA GLY A 122 -1.26 0.77 3.66
C GLY A 122 -1.45 0.49 5.13
N THR A 123 -0.88 -0.61 5.61
CA THR A 123 -0.99 -0.95 7.02
C THR A 123 0.42 -0.95 7.58
N SER A 124 0.59 -0.52 8.81
CA SER A 124 1.94 -0.46 9.37
C SER A 124 2.63 -1.82 9.46
N LEU A 125 3.96 -1.81 9.45
CA LEU A 125 4.74 -3.02 9.55
C LEU A 125 4.49 -3.57 10.94
N GLU A 126 4.22 -2.65 11.87
CA GLU A 126 3.96 -2.97 13.27
C GLU A 126 2.72 -3.86 13.38
N ALA A 127 1.62 -3.39 12.81
CA ALA A 127 0.38 -4.14 12.87
C ALA A 127 0.47 -5.45 12.10
N LEU A 128 1.13 -5.43 10.94
CA LEU A 128 1.25 -6.65 10.12
C LEU A 128 2.05 -7.76 10.79
N CYS A 129 3.05 -7.41 11.60
CA CYS A 129 3.84 -8.44 12.26
C CYS A 129 3.09 -9.15 13.39
N ARG A 130 1.93 -8.60 13.76
CA ARG A 130 1.13 -9.17 14.81
C ARG A 130 -0.02 -10.02 14.28
N MET A 131 -0.23 -10.02 12.96
CA MET A 131 -1.28 -10.84 12.38
C MET A 131 -0.74 -12.00 11.54
N LYS A 132 -0.85 -13.21 12.10
CA LYS A 132 -0.39 -14.45 11.47
C LYS A 132 -1.29 -14.89 10.32
N ARG A 133 -2.45 -14.25 10.20
CA ARG A 133 -3.38 -14.59 9.13
C ARG A 133 -3.58 -13.41 8.17
N PRO A 134 -4.11 -13.67 6.98
CA PRO A 134 -4.32 -12.56 6.05
C PRO A 134 -5.21 -11.55 6.77
N ILE A 135 -5.18 -10.30 6.34
CA ILE A 135 -5.97 -9.24 6.95
C ILE A 135 -7.46 -9.42 6.74
N ARG A 136 -7.81 -10.23 5.74
CA ARG A 136 -9.21 -10.46 5.41
C ARG A 136 -9.48 -11.95 5.24
N GLU A 137 -8.77 -12.80 5.99
CA GLU A 137 -9.03 -14.22 5.82
C GLU A 137 -10.42 -14.57 6.30
N VAL A 138 -11.06 -15.47 5.56
CA VAL A 138 -12.39 -15.92 5.87
C VAL A 138 -12.36 -16.78 7.13
N PRO A 139 -13.12 -16.40 8.16
CA PRO A 139 -13.13 -17.18 9.41
C PRO A 139 -14.02 -18.42 9.26
N VAL A 140 -13.65 -19.52 9.91
CA VAL A 140 -14.46 -20.73 9.82
C VAL A 140 -15.35 -20.93 11.05
N THR A 141 -15.61 -19.83 11.73
CA THR A 141 -16.41 -19.80 12.95
C THR A 141 -17.78 -20.49 12.88
N LYS A 142 -18.54 -20.23 11.82
CA LYS A 142 -19.86 -20.82 11.67
C LYS A 142 -19.85 -22.33 11.37
N LEU A 143 -18.67 -22.92 11.30
CA LEU A 143 -18.53 -24.34 11.03
C LEU A 143 -18.12 -25.10 12.28
N ILE A 144 -17.42 -24.41 13.18
CA ILE A 144 -16.95 -25.02 14.43
C ILE A 144 -18.08 -25.75 15.17
N ASP A 145 -17.81 -27.00 15.52
CA ASP A 145 -18.77 -27.84 16.21
C ASP A 145 -18.55 -27.90 17.73
N LEU A 146 -19.08 -26.91 18.45
CA LEU A 146 -18.94 -26.88 19.90
C LEU A 146 -19.88 -25.86 20.55
N GLU A 147 -19.94 -25.87 21.87
CA GLU A 147 -20.77 -24.94 22.62
C GLU A 147 -19.98 -24.26 23.72
N GLU A 148 -19.66 -22.99 23.50
CA GLU A 148 -18.90 -22.20 24.47
C GLU A 148 -19.57 -22.26 25.83
N ASP A 149 -18.82 -21.96 26.88
CA ASP A 149 -19.34 -21.98 28.24
C ASP A 149 -20.52 -21.02 28.38
N SER A 150 -21.70 -21.56 28.67
CA SER A 150 -22.90 -20.76 28.83
C SER A 150 -22.90 -20.01 30.17
N PHE A 151 -22.16 -20.55 31.14
CA PHE A 151 -22.06 -19.92 32.46
C PHE A 151 -21.06 -18.77 32.40
N LEU A 152 -20.30 -18.71 31.31
CA LEU A 152 -19.32 -17.67 31.10
C LEU A 152 -20.03 -16.46 30.52
N GLU A 153 -21.21 -16.70 29.97
CA GLU A 153 -22.03 -15.65 29.38
C GLU A 153 -23.14 -15.26 30.35
N LYS A 154 -22.90 -15.55 31.63
CA LYS A 154 -23.85 -15.25 32.69
C LYS A 154 -23.73 -13.76 33.03
N GLU A 155 -22.75 -13.10 32.43
CA GLU A 155 -22.52 -11.67 32.63
C GLU A 155 -22.44 -10.95 31.29
N LYS A 156 -22.58 -11.70 30.21
CA LYS A 156 -22.51 -11.13 28.87
C LYS A 156 -23.76 -10.30 28.60
N SER A 157 -23.71 -9.49 27.54
CA SER A 157 -24.84 -8.63 27.19
C SER A 157 -24.72 -8.09 25.76
N LEU A 158 -25.87 -7.90 25.12
CA LEU A 158 -25.92 -7.38 23.76
C LEU A 158 -25.61 -5.88 23.73
N LEU A 159 -25.55 -5.28 24.91
CA LEU A 159 -25.27 -3.85 25.01
C LEU A 159 -23.86 -3.60 25.54
N GLN A 160 -23.17 -4.67 25.92
CA GLN A 160 -21.82 -4.57 26.45
C GLN A 160 -20.80 -5.26 25.55
N MET A 161 -20.20 -4.50 24.64
CA MET A 161 -19.20 -5.04 23.74
C MET A 161 -17.80 -4.88 24.31
N GLU A 170 1.25 -14.86 19.73
CA GLU A 170 1.62 -13.69 20.58
C GLU A 170 2.93 -13.05 20.14
N ARG A 171 3.96 -13.87 19.91
CA ARG A 171 5.25 -13.35 19.46
C ARG A 171 5.10 -12.82 18.04
N PRO A 172 5.34 -11.52 17.84
CA PRO A 172 5.23 -10.93 16.50
C PRO A 172 6.23 -11.56 15.54
N LEU A 173 5.88 -11.64 14.27
CA LEU A 173 6.77 -12.21 13.26
C LEU A 173 7.96 -11.26 13.06
N GLN A 174 9.09 -11.80 12.63
CA GLN A 174 10.27 -10.98 12.42
C GLN A 174 10.04 -9.99 11.29
N VAL A 175 9.16 -10.37 10.37
CA VAL A 175 8.86 -9.57 9.20
C VAL A 175 7.41 -9.90 8.75
N PRO A 176 6.71 -8.92 8.16
CA PRO A 176 5.33 -9.24 7.73
C PRO A 176 5.37 -10.37 6.71
N LYS A 177 4.43 -11.30 6.82
CA LYS A 177 4.40 -12.40 5.89
C LYS A 177 4.23 -11.84 4.47
N GLU A 178 3.44 -10.78 4.33
CA GLU A 178 3.19 -10.19 3.02
C GLU A 178 4.48 -9.75 2.31
N ILE A 179 5.36 -9.04 3.00
CA ILE A 179 6.59 -8.62 2.33
C ILE A 179 7.45 -9.85 2.09
N TRP A 180 7.39 -10.79 3.01
CA TRP A 180 8.17 -12.00 2.91
C TRP A 180 7.77 -12.80 1.67
N LEU A 181 6.46 -12.93 1.45
CA LEU A 181 5.94 -13.66 0.29
C LEU A 181 6.40 -13.00 -1.02
N LEU A 182 6.42 -11.68 -1.03
CA LEU A 182 6.83 -10.95 -2.23
C LEU A 182 8.31 -11.08 -2.50
N VAL A 183 9.13 -10.88 -1.46
CA VAL A 183 10.56 -10.96 -1.62
C VAL A 183 11.06 -12.37 -1.90
N ASP A 184 10.54 -13.34 -1.18
CA ASP A 184 10.95 -14.72 -1.39
C ASP A 184 10.62 -15.16 -2.81
N HIS A 185 9.52 -14.64 -3.35
CA HIS A 185 9.14 -15.00 -4.71
C HIS A 185 10.18 -14.47 -5.67
N LEU A 186 10.57 -13.21 -5.52
CA LEU A 186 11.57 -12.61 -6.40
C LEU A 186 12.90 -13.34 -6.26
N PHE A 187 13.19 -13.84 -5.06
CA PHE A 187 14.43 -14.58 -4.83
C PHE A 187 14.42 -15.85 -5.69
N LYS A 188 13.32 -16.58 -5.58
CA LYS A 188 13.15 -17.84 -6.27
C LYS A 188 12.99 -17.80 -7.78
N TYR A 189 12.29 -16.79 -8.30
CA TYR A 189 12.05 -16.75 -9.73
C TYR A 189 12.47 -15.54 -10.55
N ALA A 190 13.02 -14.51 -9.92
CA ALA A 190 13.35 -13.34 -10.72
C ALA A 190 14.77 -12.79 -10.71
N CYS A 191 15.72 -13.51 -10.14
CA CYS A 191 17.09 -13.01 -10.10
C CYS A 191 17.70 -12.83 -11.49
N HIS A 192 17.17 -13.55 -12.47
CA HIS A 192 17.69 -13.46 -13.83
C HIS A 192 16.72 -12.76 -14.77
N GLN A 193 15.74 -12.05 -14.21
CA GLN A 193 14.76 -11.34 -15.00
C GLN A 193 15.36 -10.09 -15.63
N GLU A 194 15.21 -9.95 -16.94
CA GLU A 194 15.76 -8.81 -17.64
C GLU A 194 14.99 -7.52 -17.35
N ASP A 195 15.74 -6.43 -17.17
CA ASP A 195 15.16 -5.11 -16.88
C ASP A 195 14.33 -5.14 -15.61
N LEU A 196 14.73 -6.01 -14.68
CA LEU A 196 14.05 -6.15 -13.41
C LEU A 196 14.16 -4.81 -12.67
N PHE A 197 13.01 -4.29 -12.22
CA PHE A 197 12.96 -3.02 -11.51
C PHE A 197 13.19 -1.84 -12.44
N GLN A 198 12.94 -2.07 -13.73
CA GLN A 198 13.07 -1.05 -14.76
C GLN A 198 11.81 -1.14 -15.61
N THR A 199 11.22 -2.33 -15.63
CA THR A 199 10.01 -2.61 -16.40
C THR A 199 8.79 -2.65 -15.49
N PRO A 200 7.73 -1.90 -15.82
CA PRO A 200 6.51 -1.88 -15.01
C PRO A 200 5.65 -3.12 -15.28
N GLY A 201 5.08 -3.71 -14.24
CA GLY A 201 4.25 -4.89 -14.41
C GLY A 201 2.88 -4.56 -14.99
N MET A 202 2.03 -5.58 -15.09
CA MET A 202 0.67 -5.43 -15.63
C MET A 202 -0.30 -4.98 -14.54
N GLN A 203 -0.97 -3.86 -14.79
CA GLN A 203 -1.94 -3.30 -13.85
C GLN A 203 -2.91 -4.35 -13.32
N GLU A 204 -3.36 -5.24 -14.21
CA GLU A 204 -4.31 -6.28 -13.84
C GLU A 204 -3.70 -7.34 -12.93
N GLU A 205 -2.41 -7.62 -13.10
CA GLU A 205 -1.75 -8.60 -12.26
C GLU A 205 -1.44 -8.01 -10.89
N LEU A 206 -1.28 -6.69 -10.85
CA LEU A 206 -0.99 -6.02 -9.59
C LEU A 206 -2.19 -6.16 -8.67
N GLN A 207 -3.39 -6.04 -9.24
CA GLN A 207 -4.61 -6.17 -8.46
C GLN A 207 -4.68 -7.57 -7.88
N GLN A 208 -4.53 -8.57 -8.73
CA GLN A 208 -4.55 -9.97 -8.30
C GLN A 208 -3.61 -10.16 -7.12
N ILE A 209 -2.35 -9.77 -7.31
CA ILE A 209 -1.33 -9.89 -6.28
C ILE A 209 -1.80 -9.27 -4.97
N ILE A 210 -2.36 -8.07 -5.05
CA ILE A 210 -2.87 -7.40 -3.86
C ILE A 210 -3.97 -8.24 -3.20
N ASP A 211 -4.98 -8.61 -3.97
CA ASP A 211 -6.07 -9.41 -3.41
C ASP A 211 -5.55 -10.73 -2.85
N CYS A 212 -4.53 -11.26 -3.50
CA CYS A 212 -3.92 -12.50 -3.08
C CYS A 212 -3.34 -12.34 -1.67
N LEU A 213 -2.48 -11.34 -1.47
CA LEU A 213 -1.86 -11.11 -0.17
C LEU A 213 -2.84 -10.72 0.93
N ASP A 214 -3.95 -10.11 0.54
CA ASP A 214 -4.95 -9.68 1.52
C ASP A 214 -5.85 -10.79 2.04
N THR A 215 -5.93 -11.89 1.29
CA THR A 215 -6.82 -12.98 1.62
C THR A 215 -6.21 -14.35 1.81
N SER A 216 -4.93 -14.51 1.50
CA SER A 216 -4.33 -15.82 1.63
C SER A 216 -2.85 -15.72 1.82
N ILE A 217 -2.22 -16.84 2.17
CA ILE A 217 -0.79 -16.91 2.29
C ILE A 217 -0.49 -17.83 1.13
N PRO A 218 -0.56 -17.31 -0.11
CA PRO A 218 -0.34 -18.05 -1.35
C PRO A 218 0.90 -18.93 -1.44
N GLU A 219 0.70 -20.07 -2.09
CA GLU A 219 1.75 -21.04 -2.33
C GLU A 219 2.56 -20.51 -3.51
N THR A 220 1.90 -19.72 -4.35
CA THR A 220 2.51 -19.13 -5.52
C THR A 220 1.84 -17.79 -5.82
N ILE A 221 2.60 -16.71 -5.76
CA ILE A 221 2.05 -15.40 -6.06
C ILE A 221 1.80 -15.40 -7.58
N PRO A 222 0.60 -15.01 -8.00
CA PRO A 222 0.29 -14.98 -9.44
C PRO A 222 1.02 -13.81 -10.09
N GLY A 223 1.15 -13.85 -11.42
CA GLY A 223 1.80 -12.74 -12.11
C GLY A 223 3.25 -12.92 -12.50
N SER A 224 3.71 -12.04 -13.37
CA SER A 224 5.09 -12.06 -13.84
C SER A 224 6.02 -11.39 -12.84
N ASN A 225 7.32 -11.68 -12.96
CA ASN A 225 8.28 -11.08 -12.06
C ASN A 225 8.22 -9.54 -12.06
N HIS A 226 7.88 -8.95 -13.20
CA HIS A 226 7.78 -7.50 -13.26
C HIS A 226 6.62 -7.01 -12.41
N SER A 227 5.49 -7.72 -12.48
CA SER A 227 4.32 -7.34 -11.68
C SER A 227 4.61 -7.52 -10.19
N VAL A 228 5.29 -8.60 -9.84
CA VAL A 228 5.61 -8.87 -8.45
C VAL A 228 6.62 -7.83 -7.94
N ALA A 229 7.58 -7.48 -8.78
CA ALA A 229 8.59 -6.50 -8.38
C ALA A 229 7.91 -5.16 -8.13
N GLU A 230 6.96 -4.80 -8.97
CA GLU A 230 6.30 -3.52 -8.78
C GLU A 230 5.41 -3.51 -7.52
N ALA A 231 4.67 -4.59 -7.30
CA ALA A 231 3.81 -4.66 -6.11
C ALA A 231 4.66 -4.42 -4.86
N LEU A 232 5.91 -4.89 -4.87
CA LEU A 232 6.80 -4.68 -3.73
C LEU A 232 7.07 -3.19 -3.54
N LEU A 233 7.30 -2.48 -4.65
CA LEU A 233 7.56 -1.05 -4.58
C LEU A 233 6.29 -0.38 -4.10
N ILE A 234 5.16 -0.76 -4.68
CA ILE A 234 3.90 -0.16 -4.28
C ILE A 234 3.67 -0.36 -2.78
N PHE A 235 4.04 -1.54 -2.28
CA PHE A 235 3.90 -1.86 -0.88
C PHE A 235 4.76 -0.97 0.01
N LEU A 236 6.02 -0.78 -0.38
CA LEU A 236 6.94 0.03 0.41
C LEU A 236 6.53 1.49 0.38
N GLU A 237 5.85 1.88 -0.69
CA GLU A 237 5.39 3.26 -0.84
C GLU A 237 4.11 3.57 -0.07
N ALA A 238 3.20 2.60 0.01
CA ALA A 238 1.94 2.83 0.72
C ALA A 238 2.05 2.70 2.24
N LEU A 239 3.20 2.28 2.73
CA LEU A 239 3.40 2.11 4.16
C LEU A 239 3.08 3.41 4.90
N PRO A 240 2.37 3.30 6.03
CA PRO A 240 1.98 4.46 6.87
C PRO A 240 3.23 5.11 7.47
N GLU A 241 4.17 4.27 7.87
CA GLU A 241 5.45 4.66 8.46
C GLU A 241 6.53 3.95 7.62
N PRO A 242 7.45 4.71 7.00
CA PRO A 242 8.51 4.14 6.15
C PRO A 242 9.38 3.10 6.85
N VAL A 243 10.01 2.22 6.09
CA VAL A 243 10.88 1.21 6.70
C VAL A 243 11.79 1.96 7.67
N ILE A 244 12.37 3.07 7.23
CA ILE A 244 13.19 3.87 8.11
C ILE A 244 12.26 4.94 8.68
N CYS A 245 12.01 4.85 9.97
CA CYS A 245 11.12 5.79 10.66
C CYS A 245 11.45 7.24 10.43
N TYR A 246 10.42 8.06 10.33
CA TYR A 246 10.58 9.50 10.15
C TYR A 246 11.54 10.08 11.20
N GLU A 247 11.31 9.75 12.47
CA GLU A 247 12.15 10.29 13.53
C GLU A 247 13.65 10.05 13.32
N LEU A 248 14.00 9.10 12.45
CA LEU A 248 15.42 8.81 12.19
C LEU A 248 15.87 9.27 10.80
N TYR A 249 14.93 9.85 10.05
CA TYR A 249 15.24 10.28 8.70
C TYR A 249 16.49 11.15 8.57
N GLN A 250 16.56 12.25 9.30
CA GLN A 250 17.72 13.14 9.24
C GLN A 250 19.02 12.48 9.69
N ARG A 251 18.95 11.68 10.76
CA ARG A 251 20.14 11.01 11.26
C ARG A 251 20.84 10.22 10.16
N CYS A 252 20.04 9.54 9.34
CA CYS A 252 20.58 8.74 8.25
C CYS A 252 21.32 9.63 7.25
N LEU A 253 20.69 10.74 6.87
CA LEU A 253 21.27 11.68 5.92
C LEU A 253 22.61 12.20 6.42
N ASP A 254 22.65 12.61 7.69
CA ASP A 254 23.86 13.14 8.33
C ASP A 254 25.03 12.17 8.37
N SER A 255 24.72 10.88 8.44
CA SER A 255 25.77 9.86 8.52
C SER A 255 25.93 9.04 7.25
N ALA A 256 25.24 9.46 6.19
CA ALA A 256 25.27 8.75 4.91
C ALA A 256 26.64 8.38 4.38
N TYR A 257 27.67 9.15 4.73
CA TYR A 257 29.00 8.84 4.22
C TYR A 257 29.86 7.96 5.11
N ASP A 258 29.34 7.63 6.29
CA ASP A 258 30.05 6.76 7.24
C ASP A 258 29.25 5.47 7.40
N PRO A 259 29.50 4.47 6.53
CA PRO A 259 28.79 3.20 6.61
C PRO A 259 28.73 2.52 7.99
N ARG A 260 29.71 2.78 8.84
CA ARG A 260 29.70 2.18 10.16
C ARG A 260 28.63 2.82 11.03
N ILE A 261 28.50 4.14 10.94
CA ILE A 261 27.51 4.88 11.71
C ILE A 261 26.11 4.59 11.17
N CYS A 262 26.02 4.31 9.88
CA CYS A 262 24.75 3.99 9.26
C CYS A 262 24.20 2.67 9.84
N ARG A 263 25.09 1.70 10.06
CA ARG A 263 24.66 0.42 10.62
C ARG A 263 24.08 0.64 12.00
N GLN A 264 24.71 1.55 12.75
CA GLN A 264 24.28 1.88 14.10
C GLN A 264 22.92 2.55 14.10
N VAL A 265 22.68 3.42 13.13
CA VAL A 265 21.40 4.10 13.06
C VAL A 265 20.34 3.04 12.81
N ILE A 266 20.65 2.07 11.96
CA ILE A 266 19.70 1.02 11.67
C ILE A 266 19.34 0.29 12.96
N SER A 267 20.35 -0.06 13.75
CA SER A 267 20.10 -0.75 15.00
C SER A 267 19.15 0.00 15.92
N GLN A 268 19.02 1.31 15.70
CA GLN A 268 18.14 2.15 16.51
C GLN A 268 16.66 1.98 16.17
N LEU A 269 16.39 1.45 14.98
CA LEU A 269 15.02 1.26 14.51
C LEU A 269 14.22 0.26 15.33
N PRO A 270 12.90 0.42 15.38
CA PRO A 270 12.13 -0.56 16.14
C PRO A 270 12.40 -1.93 15.52
N ARG A 271 12.19 -3.00 16.29
CA ARG A 271 12.42 -4.38 15.85
C ARG A 271 12.05 -4.75 14.40
N CYS A 272 10.76 -4.73 14.07
CA CYS A 272 10.34 -5.10 12.73
C CYS A 272 10.86 -4.21 11.60
N HIS A 273 11.10 -2.93 11.89
CA HIS A 273 11.61 -2.03 10.86
C HIS A 273 13.04 -2.38 10.52
N ARG A 274 13.82 -2.76 11.53
CA ARG A 274 15.22 -3.11 11.29
C ARG A 274 15.32 -4.45 10.56
N ASN A 275 14.44 -5.38 10.89
CA ASN A 275 14.45 -6.67 10.22
C ASN A 275 14.02 -6.51 8.77
N VAL A 276 12.99 -5.70 8.54
CA VAL A 276 12.52 -5.52 7.18
C VAL A 276 13.62 -4.83 6.39
N PHE A 277 14.28 -3.85 7.00
CA PHE A 277 15.35 -3.16 6.29
C PHE A 277 16.49 -4.12 5.93
N ARG A 278 16.98 -4.87 6.91
CA ARG A 278 18.06 -5.82 6.67
C ARG A 278 17.70 -6.88 5.64
N TYR A 279 16.47 -7.36 5.68
CA TYR A 279 15.99 -8.36 4.76
C TYR A 279 16.05 -7.81 3.34
N LEU A 280 15.57 -6.59 3.14
CA LEU A 280 15.61 -5.96 1.83
C LEU A 280 17.03 -5.77 1.29
N MET A 281 17.96 -5.33 2.15
CA MET A 281 19.31 -5.14 1.68
C MET A 281 19.94 -6.47 1.25
N ALA A 282 19.64 -7.54 1.98
CA ALA A 282 20.17 -8.85 1.65
C ALA A 282 19.64 -9.28 0.28
N PHE A 283 18.35 -9.03 0.05
CA PHE A 283 17.73 -9.38 -1.21
C PHE A 283 18.32 -8.56 -2.36
N LEU A 284 18.52 -7.27 -2.13
CA LEU A 284 19.06 -6.41 -3.17
C LEU A 284 20.52 -6.75 -3.46
N ARG A 285 21.28 -7.15 -2.44
CA ARG A 285 22.68 -7.52 -2.68
C ARG A 285 22.72 -8.77 -3.55
N GLU A 286 21.83 -9.70 -3.27
CA GLU A 286 21.74 -10.94 -4.02
C GLU A 286 21.47 -10.63 -5.48
N LEU A 287 20.68 -9.60 -5.71
CA LEU A 287 20.32 -9.19 -7.05
C LEU A 287 21.56 -8.70 -7.82
N LEU A 288 22.42 -7.95 -7.14
CA LEU A 288 23.63 -7.42 -7.75
C LEU A 288 24.56 -8.52 -8.28
N LYS A 289 24.60 -9.66 -7.60
CA LYS A 289 25.45 -10.78 -8.05
C LYS A 289 25.05 -11.27 -9.44
N PHE A 290 23.96 -10.75 -9.98
CA PHE A 290 23.51 -11.20 -11.29
C PHE A 290 23.23 -10.03 -12.20
N SER A 291 23.91 -8.92 -11.97
CA SER A 291 23.71 -7.73 -12.79
C SER A 291 23.82 -8.14 -14.25
N GLU A 292 24.72 -9.07 -14.53
CA GLU A 292 24.93 -9.58 -15.88
C GLU A 292 23.63 -9.97 -16.56
N TYR A 293 22.78 -10.69 -15.84
CA TYR A 293 21.51 -11.17 -16.38
C TYR A 293 20.32 -10.23 -16.23
N ASN A 294 20.19 -9.58 -15.06
CA ASN A 294 19.04 -8.70 -14.81
C ASN A 294 19.22 -7.22 -15.10
N SER A 295 20.46 -6.82 -15.35
CA SER A 295 20.77 -5.44 -15.67
C SER A 295 20.59 -4.45 -14.51
N VAL A 296 20.54 -4.93 -13.28
CA VAL A 296 20.41 -4.00 -12.16
C VAL A 296 21.80 -3.62 -11.65
N ASN A 297 21.99 -2.34 -11.33
CA ASN A 297 23.27 -1.88 -10.80
C ASN A 297 22.99 -1.16 -9.50
N ALA A 298 23.96 -1.18 -8.59
CA ALA A 298 23.82 -0.57 -7.28
C ALA A 298 23.19 0.82 -7.27
N ASN A 299 23.70 1.69 -8.16
CA ASN A 299 23.20 3.05 -8.22
C ASN A 299 21.73 3.14 -8.59
N MET A 300 21.34 2.40 -9.60
CA MET A 300 19.95 2.41 -10.04
C MET A 300 19.08 1.94 -8.88
N ILE A 301 19.41 0.77 -8.34
CA ILE A 301 18.68 0.18 -7.24
C ILE A 301 18.58 1.10 -6.04
N ALA A 302 19.72 1.57 -5.57
CA ALA A 302 19.77 2.46 -4.42
C ALA A 302 18.94 3.73 -4.63
N THR A 303 18.93 4.23 -5.86
CA THR A 303 18.19 5.45 -6.17
C THR A 303 16.71 5.18 -6.14
N LEU A 304 16.31 4.08 -6.78
CA LEU A 304 14.93 3.67 -6.84
C LEU A 304 14.33 3.42 -5.44
N PHE A 305 15.00 2.59 -4.65
CA PHE A 305 14.50 2.24 -3.32
C PHE A 305 14.59 3.26 -2.20
N THR A 306 15.59 4.14 -2.23
CA THR A 306 15.75 5.10 -1.15
C THR A 306 14.53 6.01 -0.97
N SER A 307 13.96 6.51 -2.06
CA SER A 307 12.80 7.39 -1.91
C SER A 307 11.60 6.64 -1.32
N LEU A 308 11.62 5.31 -1.37
CA LEU A 308 10.53 4.54 -0.81
C LEU A 308 10.82 4.20 0.65
N LEU A 309 12.08 3.92 0.95
CA LEU A 309 12.49 3.52 2.30
C LEU A 309 12.84 4.63 3.26
N LEU A 310 13.45 5.69 2.73
CA LEU A 310 13.88 6.81 3.54
C LEU A 310 13.13 8.06 3.09
N ARG A 311 12.10 8.45 3.84
CA ARG A 311 11.31 9.62 3.49
C ARG A 311 11.24 10.64 4.63
N PRO A 312 11.15 11.93 4.27
CA PRO A 312 11.08 13.05 5.23
C PRO A 312 9.74 13.19 5.91
N PRO A 313 9.74 13.58 7.21
CA PRO A 313 8.50 13.75 7.98
C PRO A 313 7.68 14.73 7.13
N PRO A 314 6.56 14.25 6.57
CA PRO A 314 5.70 15.07 5.72
C PRO A 314 5.15 16.38 6.30
N ASN A 315 4.93 16.42 7.60
CA ASN A 315 4.38 17.63 8.22
C ASN A 315 5.40 18.76 8.31
N LEU A 316 6.66 18.47 7.97
CA LEU A 316 7.69 19.49 8.03
C LEU A 316 7.93 20.08 6.65
N MET A 317 7.09 19.68 5.69
CA MET A 317 7.20 20.15 4.31
C MET A 317 8.65 20.53 4.01
N ALA A 318 9.60 19.69 4.41
CA ALA A 318 11.02 19.97 4.21
C ALA A 318 11.46 19.96 2.73
N ARG A 319 12.34 20.90 2.39
CA ARG A 319 12.88 21.03 1.03
C ARG A 319 13.87 19.91 0.71
N GLN A 320 13.80 19.38 -0.52
CA GLN A 320 14.68 18.28 -0.91
C GLN A 320 15.88 18.71 -1.77
N THR A 321 16.93 19.18 -1.12
CA THR A 321 18.15 19.62 -1.80
C THR A 321 18.86 18.49 -2.55
N PRO A 322 19.45 18.80 -3.71
CA PRO A 322 20.17 17.82 -4.52
C PRO A 322 21.32 17.12 -3.80
N SER A 323 21.89 17.78 -2.80
CA SER A 323 22.98 17.16 -2.05
C SER A 323 22.37 16.27 -0.98
N ASP A 324 21.13 16.55 -0.58
CA ASP A 324 20.46 15.70 0.40
C ASP A 324 20.03 14.43 -0.36
N ARG A 325 19.77 14.57 -1.65
CA ARG A 325 19.38 13.42 -2.47
C ARG A 325 20.59 12.49 -2.63
N GLN A 326 21.79 13.05 -2.82
CA GLN A 326 22.95 12.20 -2.95
C GLN A 326 23.23 11.44 -1.66
N ARG A 327 23.04 12.10 -0.53
CA ARG A 327 23.26 11.46 0.77
C ARG A 327 22.24 10.34 0.95
N ALA A 328 20.99 10.58 0.56
CA ALA A 328 19.95 9.56 0.69
C ALA A 328 20.31 8.34 -0.15
N ILE A 329 20.92 8.58 -1.30
CA ILE A 329 21.33 7.48 -2.17
C ILE A 329 22.54 6.77 -1.57
N GLN A 330 23.54 7.53 -1.13
CA GLN A 330 24.73 6.96 -0.53
C GLN A 330 24.40 6.10 0.68
N PHE A 331 23.42 6.52 1.45
CA PHE A 331 23.00 5.78 2.63
C PHE A 331 22.68 4.33 2.27
N LEU A 332 21.99 4.13 1.15
CA LEU A 332 21.66 2.76 0.72
C LEU A 332 22.88 2.06 0.08
N LEU A 333 23.63 2.77 -0.76
CA LEU A 333 24.81 2.18 -1.39
C LEU A 333 25.73 1.59 -0.34
N GLY A 334 25.80 2.25 0.82
CA GLY A 334 26.66 1.77 1.88
C GLY A 334 26.40 0.31 2.22
N PHE A 335 25.11 -0.07 2.28
CA PHE A 335 24.76 -1.44 2.62
C PHE A 335 24.86 -2.37 1.43
N LEU A 336 24.67 -1.85 0.22
CA LEU A 336 24.72 -2.71 -0.96
C LEU A 336 26.13 -3.08 -1.38
N LEU A 337 27.12 -2.40 -0.81
CA LEU A 337 28.51 -2.67 -1.16
C LEU A 337 29.36 -2.79 0.10
N GLY A 338 28.75 -2.50 1.24
CA GLY A 338 29.45 -2.54 2.51
C GLY A 338 29.98 -3.90 2.94
N SER A 339 30.22 -4.05 4.23
CA SER A 339 30.73 -5.28 4.80
C SER A 339 29.62 -6.18 5.31
#